data_7AJK
#
_entry.id   7AJK
#
_cell.length_a   81.870
_cell.length_b   81.870
_cell.length_c   355.870
_cell.angle_alpha   90.000
_cell.angle_beta   90.000
_cell.angle_gamma   120.000
#
_symmetry.space_group_name_H-M   'P 62 2 2'
#
loop_
_entity.id
_entity.type
_entity.pdbx_description
1 polymer 'Ras-related C3 botulinum toxin substrate 1'
2 polymer 'CYFIP-related Rac1 interactor B'
3 non-polymer 'MAGNESIUM ION'
4 non-polymer 'PHOSPHOAMINOPHOSPHONIC ACID-GUANYLATE ESTER'
5 water water
#
loop_
_entity_poly.entity_id
_entity_poly.type
_entity_poly.pdbx_seq_one_letter_code
_entity_poly.pdbx_strand_id
1 'polypeptide(L)'
;GSAGQAIKCVVVGDGAVGKTCLLISYTTNAFPGEYIPTVFDNYSANVMVDGKPVNLGLWDTAGLEDYDRLRPLSYPQTDV
FLICFSLVSPASFENVRAKWYPEVRHHCPNTPIILVGTKLDLRDDKDTIEKLKEKKLTPITYPQGLAMAKEIGAVKYLEC
SALTQRGLKTVFDEAIRAVL
;
BBB
2 'polypeptide(L)'
;MGNLLKVLTCTDLEQGPNFFLDFENAQPTESEKEIYNQVNVVLKDAEGILEDLQSYRGAGHEIREAIQHPADEKLQEKAW
GAVVPLVGKLKKFYEFSQRLEAALRGLLGALTSTPYSPTQHLEREQALAKQFAEILHFTLRFDELKMTNPAIQNDFSYYR
RTLSRMRINNVPAEGENEVNNELANRMSLFYAEATPMLKTLSDATTKFVSENKNLPIENTTDCLSTMASVCRVMLETPEY
RSRFTNEETVSFCLRVMVGVIILYDHVHPVGAFAKTSKIDMKGCIKVLKDQPPNSVEGLLNALRYTTKHLNDETTSKQIK
SMLQG
;
CCC
#
loop_
_chem_comp.id
_chem_comp.type
_chem_comp.name
_chem_comp.formula
GNP non-polymer 'PHOSPHOAMINOPHOSPHONIC ACID-GUANYLATE ESTER' 'C10 H17 N6 O13 P3'
MG non-polymer 'MAGNESIUM ION' 'Mg 2'
#
# COMPACT_ATOMS: atom_id res chain seq x y z
N GLY A 1 -9.59 -13.44 10.06
CA GLY A 1 -8.75 -12.23 10.24
C GLY A 1 -8.58 -11.46 8.93
N SER A 2 -9.56 -10.61 8.59
CA SER A 2 -9.58 -9.83 7.33
C SER A 2 -8.88 -8.49 7.53
N ALA A 3 -9.12 -7.55 6.60
CA ALA A 3 -8.52 -6.21 6.59
C ALA A 3 -9.04 -5.41 7.78
N GLY A 4 -8.23 -4.46 8.26
CA GLY A 4 -8.59 -3.57 9.38
C GLY A 4 -8.13 -2.15 9.12
N GLN A 5 -8.32 -1.27 10.10
CA GLN A 5 -7.90 0.15 10.06
C GLN A 5 -6.37 0.22 9.94
N ALA A 6 -5.86 0.93 8.93
CA ALA A 6 -4.42 1.17 8.75
C ALA A 6 -3.96 2.26 9.72
N ILE A 7 -3.24 1.86 10.79
CA ILE A 7 -2.64 2.80 11.78
C ILE A 7 -1.12 2.74 11.65
N LYS A 8 -0.50 3.83 11.18
CA LYS A 8 0.97 3.98 11.09
C LYS A 8 1.53 4.34 12.47
N CYS A 9 2.60 3.66 12.88
CA CYS A 9 3.25 3.83 14.21
C CYS A 9 4.78 3.78 14.04
N VAL A 10 5.43 4.94 14.05
CA VAL A 10 6.91 5.07 13.91
C VAL A 10 7.54 4.96 15.31
N VAL A 11 8.56 4.10 15.45
CA VAL A 11 9.35 3.94 16.69
C VAL A 11 10.71 4.64 16.51
N VAL A 12 11.02 5.59 17.39
CA VAL A 12 12.32 6.32 17.39
C VAL A 12 13.02 6.10 18.73
N GLY A 13 14.34 6.28 18.76
CA GLY A 13 15.19 6.06 19.94
C GLY A 13 16.61 5.76 19.55
N ASP A 14 17.55 5.88 20.49
CA ASP A 14 19.01 5.70 20.25
C ASP A 14 19.30 4.21 19.97
N GLY A 15 20.53 3.91 19.55
CA GLY A 15 21.02 2.55 19.29
C GLY A 15 21.15 1.76 20.58
N ALA A 16 20.59 0.53 20.59
CA ALA A 16 20.71 -0.45 21.70
C ALA A 16 19.73 -0.12 22.83
N VAL A 17 18.73 0.72 22.56
CA VAL A 17 17.63 1.01 23.54
C VAL A 17 16.63 -0.15 23.50
N GLY A 18 16.45 -0.74 22.32
CA GLY A 18 15.60 -1.94 22.11
C GLY A 18 14.38 -1.63 21.27
N LYS A 19 14.53 -0.83 20.22
CA LYS A 19 13.44 -0.46 19.28
C LYS A 19 13.11 -1.66 18.37
N THR A 20 14.12 -2.19 17.68
CA THR A 20 13.99 -3.32 16.73
C THR A 20 13.46 -4.55 17.47
N CYS A 21 14.02 -4.84 18.65
CA CYS A 21 13.77 -6.08 19.43
C CYS A 21 12.31 -6.14 19.89
N LEU A 22 11.74 -5.01 20.34
CA LEU A 22 10.37 -4.96 20.92
C LEU A 22 9.33 -5.03 19.80
N LEU A 23 9.72 -4.72 18.56
CA LEU A 23 8.86 -4.85 17.35
C LEU A 23 8.86 -6.32 16.90
N ILE A 24 10.03 -6.96 16.89
CA ILE A 24 10.22 -8.38 16.47
C ILE A 24 9.63 -9.29 17.56
N SER A 25 9.73 -8.87 18.83
CA SER A 25 9.22 -9.62 20.00
C SER A 25 7.69 -9.59 20.02
N TYR A 26 7.09 -8.47 19.59
CA TYR A 26 5.62 -8.24 19.58
C TYR A 26 4.98 -9.07 18.46
N THR A 27 5.48 -8.90 17.23
CA THR A 27 4.89 -9.48 15.99
C THR A 27 5.21 -10.98 15.92
N THR A 28 6.47 -11.35 16.13
CA THR A 28 7.00 -12.73 15.85
C THR A 28 7.13 -13.54 17.14
N ASN A 29 7.04 -12.89 18.31
CA ASN A 29 7.19 -13.54 19.63
C ASN A 29 8.56 -14.23 19.70
N ALA A 30 9.60 -13.54 19.20
CA ALA A 30 11.01 -14.01 19.23
C ALA A 30 11.92 -12.85 19.63
N PHE A 31 13.01 -13.14 20.33
CA PHE A 31 13.97 -12.14 20.88
C PHE A 31 15.37 -12.41 20.34
N PRO A 32 15.90 -11.52 19.45
CA PRO A 32 17.27 -11.67 18.96
C PRO A 32 18.31 -11.08 19.93
N GLY A 33 19.17 -11.95 20.48
CA GLY A 33 20.31 -11.54 21.33
C GLY A 33 21.34 -10.78 20.53
N GLU A 34 21.47 -11.09 19.25
CA GLU A 34 22.40 -10.44 18.29
C GLU A 34 21.98 -8.98 18.09
N TYR A 35 22.94 -8.05 18.15
CA TYR A 35 22.71 -6.59 17.91
C TYR A 35 23.24 -6.21 16.52
N ILE A 36 22.33 -5.82 15.63
CA ILE A 36 22.66 -5.24 14.29
C ILE A 36 21.89 -3.94 14.11
N PRO A 37 22.60 -2.82 13.83
CA PRO A 37 21.94 -1.54 13.56
C PRO A 37 20.97 -1.63 12.38
N THR A 38 19.83 -0.93 12.48
CA THR A 38 18.84 -0.78 11.37
C THR A 38 18.66 0.71 11.05
N VAL A 39 19.00 1.10 9.82
CA VAL A 39 18.80 2.49 9.29
C VAL A 39 17.30 2.75 9.23
N PHE A 40 16.55 1.83 8.62
CA PHE A 40 15.07 1.82 8.61
C PHE A 40 14.56 0.42 8.25
N ASP A 41 13.51 -0.01 8.96
CA ASP A 41 12.84 -1.33 8.80
C ASP A 41 11.35 -1.13 9.07
N ASN A 42 10.52 -2.08 8.66
CA ASN A 42 9.05 -1.99 8.87
C ASN A 42 8.48 -3.40 9.08
N TYR A 43 7.51 -3.50 9.98
CA TYR A 43 6.72 -4.73 10.28
C TYR A 43 5.25 -4.33 10.35
N SER A 44 4.35 -5.32 10.45
CA SER A 44 2.89 -5.12 10.57
C SER A 44 2.24 -6.31 11.27
N ALA A 45 1.05 -6.12 11.82
CA ALA A 45 0.26 -7.16 12.53
C ALA A 45 -1.21 -6.75 12.57
N ASN A 46 -2.10 -7.62 12.08
CA ASN A 46 -3.57 -7.46 12.18
C ASN A 46 -4.01 -7.83 13.60
N VAL A 47 -4.45 -6.84 14.38
CA VAL A 47 -4.81 -7.03 15.82
C VAL A 47 -6.21 -6.46 16.08
N MET A 48 -6.80 -6.87 17.20
CA MET A 48 -8.15 -6.42 17.67
C MET A 48 -7.98 -5.63 18.97
N VAL A 49 -8.33 -4.34 18.94
CA VAL A 49 -8.26 -3.41 20.11
C VAL A 49 -9.62 -2.76 20.30
N ASP A 50 -10.23 -2.95 21.47
CA ASP A 50 -11.54 -2.37 21.86
C ASP A 50 -12.60 -2.78 20.84
N GLY A 51 -12.55 -4.03 20.38
CA GLY A 51 -13.58 -4.65 19.51
C GLY A 51 -13.51 -4.15 18.08
N LYS A 52 -12.44 -3.44 17.72
CA LYS A 52 -12.24 -2.90 16.34
C LYS A 52 -10.96 -3.49 15.76
N PRO A 53 -10.99 -3.96 14.49
CA PRO A 53 -9.80 -4.53 13.85
C PRO A 53 -8.84 -3.42 13.39
N VAL A 54 -7.54 -3.67 13.51
CA VAL A 54 -6.48 -2.67 13.17
C VAL A 54 -5.33 -3.37 12.47
N ASN A 55 -4.97 -2.87 11.27
CA ASN A 55 -3.75 -3.27 10.52
C ASN A 55 -2.60 -2.35 10.96
N LEU A 56 -1.97 -2.66 12.09
CA LEU A 56 -0.94 -1.78 12.73
C LEU A 56 0.35 -1.80 11.90
N GLY A 57 0.58 -0.75 11.11
CA GLY A 57 1.81 -0.54 10.35
C GLY A 57 2.92 0.00 11.23
N LEU A 58 3.99 -0.77 11.42
CA LEU A 58 5.12 -0.43 12.33
C LEU A 58 6.36 -0.03 11.49
N TRP A 59 6.88 1.17 11.73
CA TRP A 59 8.04 1.75 11.01
C TRP A 59 9.23 1.87 11.97
N ASP A 60 10.17 0.92 11.90
CA ASP A 60 11.42 0.91 12.70
C ASP A 60 12.43 1.88 12.06
N THR A 61 12.99 2.80 12.86
CA THR A 61 13.94 3.83 12.40
C THR A 61 15.33 3.58 13.01
N ALA A 62 16.35 4.25 12.48
CA ALA A 62 17.76 4.18 12.96
C ALA A 62 17.93 5.04 14.22
N GLY A 63 18.80 4.62 15.12
CA GLY A 63 19.08 5.30 16.41
C GLY A 63 20.39 6.07 16.36
N LEU A 64 21.28 5.72 15.43
CA LEU A 64 22.63 6.35 15.29
C LEU A 64 22.47 7.81 14.88
N GLU A 65 23.52 8.61 15.06
CA GLU A 65 23.53 10.08 14.85
C GLU A 65 23.85 10.39 13.39
N ASP A 66 24.22 9.38 12.60
CA ASP A 66 24.67 9.53 11.18
C ASP A 66 23.47 9.48 10.25
N TYR A 67 22.29 9.13 10.76
CA TYR A 67 21.04 8.96 9.97
C TYR A 67 20.02 10.04 10.34
N ASP A 68 20.49 11.25 10.63
CA ASP A 68 19.63 12.40 11.03
C ASP A 68 18.96 12.99 9.78
N ARG A 69 19.64 12.96 8.64
CA ARG A 69 19.16 13.54 7.35
C ARG A 69 18.23 12.54 6.65
N LEU A 70 18.29 11.26 7.02
CA LEU A 70 17.58 10.16 6.30
C LEU A 70 16.40 9.64 7.12
N ARG A 71 16.39 9.85 8.44
CA ARG A 71 15.36 9.30 9.36
C ARG A 71 14.01 9.97 9.09
N PRO A 72 13.95 11.32 9.02
CA PRO A 72 12.68 12.03 8.90
C PRO A 72 11.87 11.85 7.60
N LEU A 73 12.28 10.94 6.71
CA LEU A 73 11.54 10.67 5.44
C LEU A 73 10.42 9.66 5.70
N SER A 74 10.44 9.00 6.86
CA SER A 74 9.45 7.97 7.27
C SER A 74 8.41 8.59 8.20
N TYR A 75 8.52 9.89 8.49
CA TYR A 75 7.73 10.60 9.52
C TYR A 75 6.34 10.95 8.98
N PRO A 76 6.20 11.47 7.74
CA PRO A 76 4.90 11.93 7.25
C PRO A 76 3.76 10.92 7.41
N GLN A 77 2.55 11.42 7.63
CA GLN A 77 1.30 10.62 7.81
C GLN A 77 1.47 9.61 8.94
N THR A 78 2.10 10.00 10.04
CA THR A 78 2.23 9.20 11.28
C THR A 78 0.99 9.40 12.15
N ASP A 79 0.44 8.30 12.69
CA ASP A 79 -0.78 8.32 13.55
C ASP A 79 -0.36 8.32 15.02
N VAL A 80 0.84 7.80 15.32
CA VAL A 80 1.39 7.75 16.71
C VAL A 80 2.92 7.57 16.63
N PHE A 81 3.62 8.08 17.66
CA PHE A 81 5.10 7.98 17.81
C PHE A 81 5.43 7.25 19.12
N LEU A 82 6.39 6.33 19.06
CA LEU A 82 6.95 5.63 20.24
C LEU A 82 8.40 6.08 20.45
N ILE A 83 8.62 7.08 21.32
CA ILE A 83 9.98 7.50 21.75
C ILE A 83 10.49 6.48 22.78
N CYS A 84 11.41 5.61 22.36
CA CYS A 84 11.94 4.49 23.17
C CYS A 84 13.32 4.85 23.74
N PHE A 85 13.47 4.68 25.05
CA PHE A 85 14.74 4.85 25.80
C PHE A 85 14.91 3.62 26.71
N SER A 86 16.15 3.18 26.92
CA SER A 86 16.46 2.06 27.86
C SER A 86 16.43 2.60 29.29
N LEU A 87 15.91 1.82 30.23
CA LEU A 87 15.80 2.22 31.66
C LEU A 87 17.19 2.11 32.30
N VAL A 88 18.08 1.36 31.65
CA VAL A 88 19.47 1.06 32.13
C VAL A 88 20.46 1.99 31.41
N SER A 89 20.01 3.17 30.97
CA SER A 89 20.84 4.11 30.17
C SER A 89 20.33 5.55 30.30
N PRO A 90 20.68 6.27 31.38
CA PRO A 90 20.30 7.67 31.55
C PRO A 90 20.51 8.55 30.30
N ALA A 91 21.65 8.41 29.63
CA ALA A 91 21.99 9.17 28.40
C ALA A 91 20.78 9.14 27.47
N SER A 92 20.31 7.94 27.13
CA SER A 92 19.14 7.69 26.26
C SER A 92 17.92 8.42 26.83
N PHE A 93 17.75 8.38 28.15
CA PHE A 93 16.58 8.96 28.87
C PHE A 93 16.57 10.47 28.70
N GLU A 94 17.74 11.12 28.69
CA GLU A 94 17.85 12.59 28.51
C GLU A 94 17.69 12.91 27.02
N ASN A 95 18.24 12.06 26.14
CA ASN A 95 18.14 12.23 24.67
C ASN A 95 16.66 12.37 24.28
N VAL A 96 15.75 11.90 25.15
CA VAL A 96 14.28 12.00 24.94
C VAL A 96 13.89 13.47 24.91
N ARG A 97 14.25 14.20 25.97
CA ARG A 97 13.93 15.65 26.15
C ARG A 97 14.86 16.49 25.26
N ALA A 98 16.07 16.02 25.02
CA ALA A 98 17.16 16.77 24.34
C ALA A 98 16.94 16.77 22.82
N LYS A 99 16.50 15.65 22.25
CA LYS A 99 16.46 15.45 20.77
C LYS A 99 15.05 15.05 20.31
N TRP A 100 14.60 13.85 20.69
CA TRP A 100 13.43 13.17 20.10
C TRP A 100 12.19 14.06 20.14
N TYR A 101 11.84 14.60 21.32
CA TYR A 101 10.62 15.44 21.49
C TYR A 101 10.71 16.63 20.55
N PRO A 102 11.81 17.42 20.58
CA PRO A 102 12.04 18.45 19.57
C PRO A 102 11.87 17.94 18.13
N GLU A 103 12.48 16.79 17.81
CA GLU A 103 12.55 16.23 16.43
C GLU A 103 11.15 15.82 15.95
N VAL A 104 10.43 15.00 16.74
CA VAL A 104 9.11 14.42 16.33
C VAL A 104 8.07 15.54 16.26
N ARG A 105 8.13 16.51 17.19
CA ARG A 105 7.22 17.69 17.20
C ARG A 105 7.52 18.57 15.97
N HIS A 106 8.80 18.78 15.69
CA HIS A 106 9.30 19.66 14.59
C HIS A 106 8.66 19.23 13.25
N HIS A 107 8.59 17.93 12.99
CA HIS A 107 8.03 17.33 11.75
C HIS A 107 6.53 17.10 11.89
N CYS A 108 6.11 16.52 13.03
CA CYS A 108 4.69 16.16 13.32
C CYS A 108 4.31 16.68 14.70
N PRO A 109 3.92 17.97 14.82
CA PRO A 109 3.64 18.58 16.12
C PRO A 109 2.32 18.16 16.78
N ASN A 110 1.38 17.60 15.99
CA ASN A 110 -0.02 17.34 16.46
C ASN A 110 -0.24 15.84 16.66
N THR A 111 0.73 15.01 16.28
CA THR A 111 0.64 13.52 16.39
C THR A 111 0.99 13.08 17.81
N PRO A 112 0.21 12.17 18.42
CA PRO A 112 0.43 11.76 19.81
C PRO A 112 1.84 11.18 20.05
N ILE A 113 2.29 11.24 21.30
CA ILE A 113 3.58 10.62 21.76
C ILE A 113 3.26 9.59 22.85
N ILE A 114 3.86 8.40 22.74
CA ILE A 114 3.85 7.36 23.81
C ILE A 114 5.29 7.14 24.27
N LEU A 115 5.64 7.64 25.46
CA LEU A 115 7.00 7.49 26.04
C LEU A 115 7.16 6.06 26.56
N VAL A 116 7.99 5.25 25.91
CA VAL A 116 8.18 3.81 26.26
C VAL A 116 9.51 3.63 26.98
N GLY A 117 9.51 2.85 28.06
CA GLY A 117 10.70 2.48 28.82
C GLY A 117 11.12 1.05 28.52
N THR A 118 12.23 0.88 27.80
CA THR A 118 12.71 -0.45 27.30
C THR A 118 13.56 -1.11 28.38
N LYS A 119 13.85 -2.41 28.20
CA LYS A 119 14.73 -3.20 29.10
C LYS A 119 14.29 -3.00 30.55
N LEU A 120 13.04 -3.36 30.86
CA LEU A 120 12.45 -3.26 32.22
C LEU A 120 12.98 -4.39 33.10
N ASP A 121 13.38 -5.51 32.49
CA ASP A 121 13.82 -6.75 33.19
C ASP A 121 15.22 -6.53 33.78
N LEU A 122 15.97 -5.56 33.25
CA LEU A 122 17.39 -5.32 33.64
C LEU A 122 17.48 -4.33 34.80
N ARG A 123 16.40 -3.59 35.10
CA ARG A 123 16.40 -2.55 36.16
C ARG A 123 16.68 -3.21 37.51
N ASP A 124 16.22 -4.44 37.71
CA ASP A 124 16.43 -5.22 38.96
C ASP A 124 17.30 -6.45 38.63
N ASP A 125 18.58 -6.21 38.35
CA ASP A 125 19.59 -7.23 38.00
C ASP A 125 20.95 -6.82 38.60
N LYS A 126 21.47 -7.62 39.53
CA LYS A 126 22.75 -7.35 40.24
C LYS A 126 23.81 -7.00 39.20
N ASP A 127 24.05 -7.92 38.25
CA ASP A 127 25.04 -7.75 37.15
C ASP A 127 24.88 -6.36 36.55
N THR A 128 23.68 -6.06 36.05
CA THR A 128 23.38 -4.81 35.30
C THR A 128 23.43 -3.61 36.25
N ILE A 129 23.08 -3.79 37.52
CA ILE A 129 22.96 -2.66 38.50
C ILE A 129 24.35 -2.36 39.08
N GLU A 130 25.24 -3.35 39.10
CA GLU A 130 26.63 -3.18 39.60
C GLU A 130 27.41 -2.35 38.59
N LYS A 131 27.14 -2.54 37.31
CA LYS A 131 27.82 -1.81 36.21
C LYS A 131 27.41 -0.35 36.27
N LEU A 132 26.14 -0.07 36.56
CA LEU A 132 25.66 1.32 36.74
C LEU A 132 26.42 1.95 37.91
N LYS A 133 26.49 1.23 39.02
CA LYS A 133 27.32 1.62 40.19
C LYS A 133 28.74 1.91 39.69
N GLU A 134 29.38 0.91 39.08
CA GLU A 134 30.68 0.99 38.42
C GLU A 134 30.81 2.27 37.63
N LYS A 135 29.84 2.65 36.78
CA LYS A 135 29.90 3.88 35.94
C LYS A 135 29.25 5.05 36.69
N LYS A 136 29.09 4.93 38.01
CA LYS A 136 28.47 5.97 38.87
C LYS A 136 27.14 6.41 38.26
N LEU A 137 26.15 5.51 38.24
CA LEU A 137 24.83 5.81 37.64
C LEU A 137 23.73 5.05 38.37
N THR A 138 22.53 5.65 38.42
CA THR A 138 21.32 5.07 39.06
C THR A 138 20.22 4.94 38.02
N PRO A 139 19.64 3.73 37.89
CA PRO A 139 18.63 3.44 36.86
C PRO A 139 17.45 4.43 36.89
N ILE A 140 16.95 4.81 35.71
CA ILE A 140 15.77 5.73 35.56
C ILE A 140 14.55 5.05 36.17
N THR A 141 14.12 5.51 37.35
CA THR A 141 12.96 4.98 38.11
C THR A 141 11.66 5.47 37.45
N TYR A 142 10.52 4.91 37.89
CA TYR A 142 9.18 5.15 37.28
C TYR A 142 8.81 6.63 37.40
N PRO A 143 8.85 7.22 38.61
CA PRO A 143 8.53 8.64 38.78
C PRO A 143 9.24 9.56 37.77
N GLN A 144 10.52 9.32 37.51
CA GLN A 144 11.34 10.10 36.55
C GLN A 144 10.73 9.96 35.15
N GLY A 145 10.51 8.71 34.71
CA GLY A 145 9.90 8.39 33.40
C GLY A 145 8.58 9.09 33.21
N LEU A 146 7.69 9.05 34.21
CA LEU A 146 6.34 9.67 34.17
C LEU A 146 6.49 11.20 34.13
N ALA A 147 7.37 11.75 34.97
CA ALA A 147 7.68 13.19 35.04
C ALA A 147 8.16 13.69 33.68
N MET A 148 8.97 12.88 32.98
CA MET A 148 9.52 13.21 31.63
C MET A 148 8.36 13.19 30.62
N ALA A 149 7.49 12.19 30.70
CA ALA A 149 6.31 12.01 29.81
C ALA A 149 5.39 13.23 29.95
N LYS A 150 5.20 13.72 31.18
CA LYS A 150 4.32 14.89 31.49
C LYS A 150 4.93 16.15 30.87
N GLU A 151 6.27 16.26 30.87
CA GLU A 151 7.00 17.43 30.33
C GLU A 151 6.81 17.50 28.82
N ILE A 152 7.12 16.41 28.10
CA ILE A 152 7.07 16.35 26.60
C ILE A 152 5.62 16.33 26.15
N GLY A 153 4.69 16.00 27.05
CA GLY A 153 3.24 15.98 26.79
C GLY A 153 2.80 14.68 26.13
N ALA A 154 3.47 13.58 26.46
CA ALA A 154 3.12 12.21 26.01
C ALA A 154 1.80 11.78 26.67
N VAL A 155 0.91 11.14 25.92
CA VAL A 155 -0.47 10.77 26.36
C VAL A 155 -0.39 9.64 27.40
N LYS A 156 0.62 8.78 27.28
CA LYS A 156 0.85 7.64 28.21
C LYS A 156 2.35 7.38 28.36
N TYR A 157 2.78 7.09 29.59
CA TYR A 157 4.12 6.52 29.90
C TYR A 157 3.97 5.03 30.20
N LEU A 158 4.58 4.18 29.39
CA LEU A 158 4.62 2.71 29.59
C LEU A 158 6.07 2.25 29.75
N GLU A 159 6.28 1.18 30.50
CA GLU A 159 7.60 0.49 30.66
C GLU A 159 7.40 -1.01 30.40
N CYS A 160 8.27 -1.61 29.59
CA CYS A 160 8.16 -3.03 29.15
C CYS A 160 9.55 -3.63 28.88
N SER A 161 9.58 -4.95 28.67
CA SER A 161 10.78 -5.75 28.31
C SER A 161 10.46 -6.63 27.10
N ALA A 162 11.30 -6.55 26.06
CA ALA A 162 11.14 -7.30 24.79
C ALA A 162 11.45 -8.79 25.02
N LEU A 163 12.33 -9.08 25.98
CA LEU A 163 12.79 -10.47 26.30
C LEU A 163 11.69 -11.22 27.06
N THR A 164 11.25 -10.69 28.21
CA THR A 164 10.25 -11.32 29.11
C THR A 164 8.84 -11.09 28.56
N GLN A 165 8.64 -9.99 27.82
CA GLN A 165 7.34 -9.59 27.22
C GLN A 165 6.40 -9.11 28.31
N ARG A 166 6.94 -8.64 29.44
CA ARG A 166 6.17 -8.02 30.54
C ARG A 166 5.70 -6.63 30.09
N GLY A 167 4.41 -6.47 29.83
CA GLY A 167 3.78 -5.20 29.43
C GLY A 167 4.16 -4.79 28.02
N LEU A 168 4.57 -5.75 27.18
CA LEU A 168 4.92 -5.51 25.76
C LEU A 168 3.62 -5.27 24.97
N LYS A 169 2.61 -6.09 25.21
CA LYS A 169 1.30 -6.02 24.51
C LYS A 169 0.62 -4.68 24.80
N THR A 170 0.69 -4.21 26.05
CA THR A 170 -0.01 -2.99 26.55
C THR A 170 0.50 -1.76 25.79
N VAL A 171 1.78 -1.76 25.40
CA VAL A 171 2.43 -0.60 24.71
C VAL A 171 1.72 -0.35 23.38
N PHE A 172 1.55 -1.39 22.57
CA PHE A 172 0.95 -1.32 21.21
C PHE A 172 -0.55 -1.09 21.30
N ASP A 173 -1.21 -1.69 22.30
CA ASP A 173 -2.66 -1.54 22.56
C ASP A 173 -2.95 -0.07 22.87
N GLU A 174 -2.12 0.54 23.72
CA GLU A 174 -2.23 1.97 24.12
C GLU A 174 -1.84 2.87 22.93
N ALA A 175 -0.90 2.41 22.10
CA ALA A 175 -0.43 3.12 20.89
C ALA A 175 -1.60 3.21 19.89
N ILE A 176 -2.43 2.17 19.82
CA ILE A 176 -3.63 2.10 18.93
C ILE A 176 -4.76 2.91 19.56
N ARG A 177 -4.96 2.78 20.87
CA ARG A 177 -6.07 3.41 21.62
C ARG A 177 -6.00 4.94 21.49
N ALA A 178 -4.80 5.47 21.30
CA ALA A 178 -4.54 6.93 21.16
C ALA A 178 -5.05 7.42 19.80
N VAL A 179 -5.24 6.50 18.85
CA VAL A 179 -5.68 6.82 17.45
C VAL A 179 -7.01 6.11 17.16
N LEU A 180 -7.93 6.10 18.12
CA LEU A 180 -9.32 5.60 17.95
C LEU A 180 -10.31 6.67 18.43
N GLU B 34 3.25 1.45 -30.07
CA GLU B 34 2.05 2.20 -29.63
C GLU B 34 2.05 2.34 -28.10
N ILE B 35 1.79 3.55 -27.60
CA ILE B 35 1.77 3.87 -26.14
C ILE B 35 0.34 3.83 -25.63
N TYR B 36 -0.61 3.39 -26.47
CA TYR B 36 -2.06 3.32 -26.16
C TYR B 36 -2.41 1.95 -25.57
N ASN B 37 -1.63 0.93 -25.91
CA ASN B 37 -1.75 -0.43 -25.31
C ASN B 37 -0.51 -0.70 -24.45
N GLN B 38 0.11 0.37 -23.94
CA GLN B 38 1.33 0.31 -23.09
C GLN B 38 0.98 -0.28 -21.73
N VAL B 39 -0.18 0.08 -21.18
CA VAL B 39 -0.67 -0.39 -19.84
C VAL B 39 -1.16 -1.83 -19.99
N ASN B 40 -1.74 -2.17 -21.14
CA ASN B 40 -2.30 -3.52 -21.45
C ASN B 40 -1.16 -4.53 -21.58
N VAL B 41 0.03 -4.07 -22.02
CA VAL B 41 1.22 -4.93 -22.27
C VAL B 41 1.77 -5.42 -20.93
N VAL B 42 1.74 -4.57 -19.89
CA VAL B 42 2.27 -4.91 -18.53
C VAL B 42 1.20 -5.70 -17.77
N LEU B 43 -0.09 -5.44 -18.04
CA LEU B 43 -1.23 -6.11 -17.36
C LEU B 43 -1.30 -7.58 -17.79
N LYS B 44 -0.59 -7.95 -18.86
CA LYS B 44 -0.51 -9.35 -19.37
C LYS B 44 -0.12 -10.28 -18.22
N ASP B 45 0.77 -9.82 -17.34
CA ASP B 45 1.39 -10.65 -16.26
C ASP B 45 0.71 -10.34 -14.92
N ALA B 46 -0.39 -9.56 -14.95
CA ALA B 46 -1.12 -9.11 -13.73
C ALA B 46 -1.72 -10.33 -13.01
N GLU B 47 -2.28 -11.28 -13.77
CA GLU B 47 -2.90 -12.52 -13.24
C GLU B 47 -1.85 -13.33 -12.49
N GLY B 48 -0.66 -13.45 -13.07
CA GLY B 48 0.49 -14.18 -12.50
C GLY B 48 0.98 -13.53 -11.21
N ILE B 49 0.93 -12.20 -11.14
CA ILE B 49 1.40 -11.40 -9.97
C ILE B 49 0.47 -11.68 -8.78
N LEU B 50 -0.85 -11.59 -9.02
CA LEU B 50 -1.89 -11.81 -7.97
C LEU B 50 -1.86 -13.28 -7.53
N GLU B 51 -1.60 -14.20 -8.46
CA GLU B 51 -1.59 -15.66 -8.22
C GLU B 51 -0.39 -16.01 -7.32
N ASP B 52 0.75 -15.34 -7.55
CA ASP B 52 2.00 -15.53 -6.77
C ASP B 52 1.85 -14.86 -5.40
N LEU B 53 1.17 -13.72 -5.35
CA LEU B 53 0.99 -12.90 -4.12
C LEU B 53 0.10 -13.65 -3.13
N GLN B 54 -0.93 -14.36 -3.63
CA GLN B 54 -1.91 -15.11 -2.81
C GLN B 54 -1.23 -16.34 -2.21
N SER B 55 -0.36 -17.00 -2.99
CA SER B 55 0.35 -18.25 -2.63
C SER B 55 1.54 -17.95 -1.71
N TYR B 56 1.91 -16.67 -1.58
CA TYR B 56 3.04 -16.21 -0.72
C TYR B 56 2.71 -16.51 0.74
N ARG B 57 3.15 -17.68 1.23
CA ARG B 57 2.94 -18.15 2.62
C ARG B 57 3.99 -17.48 3.54
N GLY B 58 5.19 -17.24 3.01
CA GLY B 58 6.30 -16.62 3.74
C GLY B 58 7.22 -17.66 4.35
N ALA B 59 8.14 -17.22 5.23
CA ALA B 59 9.12 -18.07 5.92
C ALA B 59 9.32 -17.59 7.37
N GLY B 60 8.22 -17.33 8.07
CA GLY B 60 8.23 -16.82 9.46
C GLY B 60 8.73 -17.85 10.46
N HIS B 61 8.49 -19.13 10.18
CA HIS B 61 8.86 -20.28 11.05
C HIS B 61 10.37 -20.48 11.03
N GLU B 62 10.98 -20.49 9.85
CA GLU B 62 12.45 -20.69 9.67
C GLU B 62 13.20 -19.47 10.21
N ILE B 63 12.71 -18.26 9.92
CA ILE B 63 13.31 -16.98 10.39
C ILE B 63 13.31 -16.96 11.92
N ARG B 64 12.18 -17.33 12.53
CA ARG B 64 11.96 -17.23 14.00
C ARG B 64 12.94 -18.15 14.73
N GLU B 65 13.04 -19.41 14.32
CA GLU B 65 13.90 -20.44 15.00
C GLU B 65 15.38 -20.07 14.80
N ALA B 66 15.71 -19.42 13.68
CA ALA B 66 17.08 -18.94 13.36
C ALA B 66 17.47 -17.83 14.33
N ILE B 67 16.51 -16.96 14.69
CA ILE B 67 16.71 -15.84 15.66
C ILE B 67 16.75 -16.41 17.08
N GLN B 68 15.89 -17.40 17.37
CA GLN B 68 15.82 -18.07 18.69
C GLN B 68 17.18 -18.70 19.02
N HIS B 69 17.84 -19.31 18.03
CA HIS B 69 19.17 -19.96 18.17
C HIS B 69 20.15 -19.33 17.18
N PRO B 70 20.71 -18.14 17.49
CA PRO B 70 21.62 -17.45 16.59
C PRO B 70 22.86 -18.28 16.17
N ALA B 71 23.43 -19.03 17.11
CA ALA B 71 24.74 -19.71 16.97
C ALA B 71 24.63 -20.91 16.01
N ASP B 72 23.43 -21.48 15.86
CA ASP B 72 23.19 -22.68 15.01
C ASP B 72 23.31 -22.29 13.53
N GLU B 73 24.50 -22.47 12.94
CA GLU B 73 24.80 -22.08 11.54
C GLU B 73 23.97 -22.92 10.57
N LYS B 74 23.65 -24.17 10.93
CA LYS B 74 22.83 -25.10 10.10
C LYS B 74 21.43 -24.50 9.93
N LEU B 75 20.90 -23.87 10.98
CA LEU B 75 19.52 -23.32 11.01
C LEU B 75 19.50 -21.94 10.33
N GLN B 76 20.64 -21.25 10.30
CA GLN B 76 20.80 -19.92 9.64
C GLN B 76 20.77 -20.12 8.11
N GLU B 77 21.26 -21.27 7.63
CA GLU B 77 21.27 -21.62 6.18
C GLU B 77 19.84 -21.88 5.71
N LYS B 78 19.05 -22.61 6.50
CA LYS B 78 17.65 -22.97 6.18
C LYS B 78 16.80 -21.69 6.10
N ALA B 79 17.03 -20.76 7.02
CA ALA B 79 16.32 -19.45 7.09
C ALA B 79 16.71 -18.60 5.87
N TRP B 80 18.01 -18.41 5.65
CA TRP B 80 18.57 -17.60 4.53
C TRP B 80 18.13 -18.20 3.19
N GLY B 81 18.27 -19.52 3.05
CA GLY B 81 17.86 -20.28 1.83
C GLY B 81 16.39 -20.10 1.52
N ALA B 82 15.55 -20.03 2.56
CA ALA B 82 14.08 -19.86 2.45
C ALA B 82 13.74 -18.43 1.99
N VAL B 83 14.53 -17.46 2.43
CA VAL B 83 14.29 -15.99 2.21
C VAL B 83 14.51 -15.67 0.73
N VAL B 84 15.56 -16.22 0.11
CA VAL B 84 15.95 -15.95 -1.31
C VAL B 84 14.69 -16.05 -2.19
N PRO B 85 13.99 -17.20 -2.19
CA PRO B 85 12.79 -17.37 -3.02
C PRO B 85 11.77 -16.25 -2.83
N LEU B 86 11.51 -15.86 -1.57
CA LEU B 86 10.45 -14.88 -1.20
C LEU B 86 10.85 -13.48 -1.68
N VAL B 87 12.10 -13.09 -1.47
CA VAL B 87 12.63 -11.74 -1.86
C VAL B 87 12.50 -11.59 -3.38
N GLY B 88 12.89 -12.62 -4.13
CA GLY B 88 12.84 -12.65 -5.61
C GLY B 88 11.43 -12.36 -6.11
N LYS B 89 10.41 -12.86 -5.40
CA LYS B 89 8.98 -12.64 -5.73
C LYS B 89 8.59 -11.21 -5.36
N LEU B 90 9.09 -10.72 -4.21
CA LEU B 90 8.84 -9.34 -3.72
C LEU B 90 9.45 -8.34 -4.71
N LYS B 91 10.65 -8.62 -5.23
CA LYS B 91 11.31 -7.80 -6.27
C LYS B 91 10.46 -7.84 -7.54
N LYS B 92 9.95 -9.03 -7.88
CA LYS B 92 9.09 -9.27 -9.07
C LYS B 92 7.80 -8.44 -8.94
N PHE B 93 7.26 -8.32 -7.72
CA PHE B 93 6.00 -7.57 -7.44
C PHE B 93 6.28 -6.07 -7.53
N TYR B 94 7.38 -5.61 -6.91
CA TYR B 94 7.77 -4.18 -6.89
C TYR B 94 8.05 -3.70 -8.32
N GLU B 95 8.92 -4.41 -9.05
CA GLU B 95 9.31 -4.07 -10.44
C GLU B 95 8.05 -3.96 -11.30
N PHE B 96 7.02 -4.76 -11.01
CA PHE B 96 5.72 -4.77 -11.74
C PHE B 96 5.02 -3.42 -11.52
N SER B 97 5.03 -2.93 -10.29
CA SER B 97 4.37 -1.66 -9.88
C SER B 97 5.04 -0.47 -10.57
N GLN B 98 6.36 -0.55 -10.78
CA GLN B 98 7.16 0.52 -11.43
C GLN B 98 6.86 0.53 -12.94
N ARG B 99 6.76 -0.64 -13.55
CA ARG B 99 6.37 -0.80 -14.98
C ARG B 99 4.94 -0.28 -15.17
N LEU B 100 4.03 -0.64 -14.25
CA LEU B 100 2.60 -0.25 -14.28
C LEU B 100 2.51 1.28 -14.06
N GLU B 101 3.34 1.81 -13.17
CA GLU B 101 3.47 3.27 -12.90
C GLU B 101 3.93 3.98 -14.18
N ALA B 102 5.03 3.52 -14.77
CA ALA B 102 5.66 4.10 -15.99
C ALA B 102 4.67 4.05 -17.15
N ALA B 103 3.91 2.94 -17.27
CA ALA B 103 2.92 2.71 -18.33
C ALA B 103 1.75 3.68 -18.17
N LEU B 104 1.35 3.95 -16.92
CA LEU B 104 0.20 4.83 -16.59
C LEU B 104 0.56 6.29 -16.92
N ARG B 105 1.79 6.70 -16.57
CA ARG B 105 2.29 8.08 -16.82
C ARG B 105 2.50 8.26 -18.33
N GLY B 106 3.02 7.23 -19.01
CA GLY B 106 3.17 7.19 -20.48
C GLY B 106 1.82 7.35 -21.17
N LEU B 107 0.79 6.73 -20.59
CA LEU B 107 -0.62 6.81 -21.08
C LEU B 107 -1.14 8.23 -20.90
N LEU B 108 -0.95 8.81 -19.70
CA LEU B 108 -1.38 10.18 -19.35
C LEU B 108 -0.59 11.20 -20.17
N GLY B 109 0.66 10.86 -20.52
CA GLY B 109 1.57 11.72 -21.29
C GLY B 109 1.03 11.99 -22.68
N ALA B 110 0.42 10.97 -23.31
CA ALA B 110 -0.13 11.03 -24.68
C ALA B 110 -1.37 11.94 -24.68
N LEU B 111 -2.00 12.12 -23.52
CA LEU B 111 -3.19 12.98 -23.35
C LEU B 111 -2.89 14.36 -23.96
N THR B 112 -1.75 14.93 -23.57
CA THR B 112 -1.28 16.27 -23.98
C THR B 112 -1.46 16.47 -25.49
N SER B 113 -0.65 15.78 -26.29
CA SER B 113 -0.60 15.91 -27.78
C SER B 113 -2.02 15.93 -28.35
N HIS B 121 -6.60 16.49 -33.16
CA HIS B 121 -8.02 16.31 -32.76
C HIS B 121 -8.65 15.07 -33.42
N LEU B 122 -9.41 14.37 -32.58
CA LEU B 122 -10.10 13.04 -32.66
C LEU B 122 -9.49 12.21 -31.52
N GLU B 123 -9.63 12.69 -30.29
CA GLU B 123 -8.93 12.11 -29.12
C GLU B 123 -9.67 10.86 -28.66
N ARG B 124 -9.05 9.69 -28.84
CA ARG B 124 -9.53 8.40 -28.26
C ARG B 124 -9.21 8.41 -26.77
N GLU B 125 -10.16 8.89 -25.95
CA GLU B 125 -9.94 9.09 -24.50
C GLU B 125 -10.53 7.91 -23.72
N GLN B 126 -11.06 6.91 -24.44
CA GLN B 126 -11.60 5.68 -23.80
C GLN B 126 -10.42 4.88 -23.25
N ALA B 127 -9.28 4.93 -23.95
CA ALA B 127 -8.03 4.24 -23.54
C ALA B 127 -7.72 4.62 -22.08
N LEU B 128 -7.76 5.91 -21.77
CA LEU B 128 -7.51 6.43 -20.41
C LEU B 128 -8.48 5.77 -19.43
N ALA B 129 -9.78 5.86 -19.70
CA ALA B 129 -10.87 5.36 -18.84
C ALA B 129 -10.84 3.82 -18.80
N LYS B 130 -10.61 3.18 -19.95
CA LYS B 130 -10.61 1.70 -20.08
C LYS B 130 -9.50 1.12 -19.19
N GLN B 131 -8.29 1.68 -19.31
CA GLN B 131 -7.06 1.16 -18.64
C GLN B 131 -7.04 1.58 -17.17
N PHE B 132 -7.69 2.69 -16.82
CA PHE B 132 -7.88 3.14 -15.41
C PHE B 132 -8.67 2.08 -14.66
N ALA B 133 -9.82 1.68 -15.22
CA ALA B 133 -10.74 0.65 -14.67
C ALA B 133 -10.01 -0.69 -14.55
N GLU B 134 -9.13 -1.00 -15.52
CA GLU B 134 -8.44 -2.32 -15.61
C GLU B 134 -7.35 -2.41 -14.54
N ILE B 135 -6.55 -1.36 -14.35
CA ILE B 135 -5.42 -1.34 -13.37
C ILE B 135 -6.00 -1.20 -11.95
N LEU B 136 -7.11 -0.47 -11.79
CA LEU B 136 -7.77 -0.27 -10.48
C LEU B 136 -8.40 -1.59 -10.03
N HIS B 137 -9.00 -2.34 -10.96
CA HIS B 137 -9.53 -3.71 -10.74
C HIS B 137 -8.43 -4.58 -10.13
N PHE B 138 -7.23 -4.55 -10.73
CA PHE B 138 -6.04 -5.31 -10.27
C PHE B 138 -5.54 -4.73 -8.94
N THR B 139 -5.49 -3.40 -8.83
CA THR B 139 -4.91 -2.65 -7.69
C THR B 139 -5.63 -3.05 -6.39
N LEU B 140 -6.97 -3.13 -6.43
CA LEU B 140 -7.80 -3.45 -5.24
C LEU B 140 -7.45 -4.85 -4.72
N ARG B 141 -7.17 -5.80 -5.61
CA ARG B 141 -6.83 -7.19 -5.22
C ARG B 141 -5.43 -7.22 -4.63
N PHE B 142 -4.46 -6.62 -5.33
CA PHE B 142 -3.04 -6.58 -4.88
C PHE B 142 -2.99 -6.04 -3.45
N ASP B 143 -3.64 -4.89 -3.21
CA ASP B 143 -3.65 -4.20 -1.90
C ASP B 143 -4.34 -5.09 -0.86
N GLU B 144 -5.47 -5.73 -1.24
CA GLU B 144 -6.30 -6.58 -0.35
C GLU B 144 -5.44 -7.75 0.17
N LEU B 145 -4.69 -8.41 -0.73
CA LEU B 145 -3.84 -9.59 -0.40
C LEU B 145 -2.66 -9.15 0.47
N LYS B 146 -2.00 -8.05 0.08
CA LYS B 146 -0.79 -7.52 0.79
C LYS B 146 -1.20 -7.04 2.18
N MET B 147 -2.27 -6.24 2.24
CA MET B 147 -2.86 -5.68 3.49
C MET B 147 -2.84 -6.75 4.59
N THR B 148 -3.48 -7.89 4.31
CA THR B 148 -3.71 -9.01 5.25
C THR B 148 -2.63 -10.06 5.06
N ASN B 149 -1.35 -9.67 5.13
CA ASN B 149 -0.19 -10.58 4.95
C ASN B 149 1.06 -9.92 5.52
N PRO B 150 1.24 -9.92 6.86
CA PRO B 150 2.41 -9.30 7.48
C PRO B 150 3.72 -10.07 7.28
N ALA B 151 3.65 -11.25 6.66
CA ALA B 151 4.82 -12.12 6.38
C ALA B 151 5.73 -11.44 5.35
N ILE B 152 5.13 -10.67 4.43
CA ILE B 152 5.85 -9.95 3.34
C ILE B 152 6.90 -9.04 3.95
N GLN B 153 6.48 -8.09 4.79
CA GLN B 153 7.40 -7.12 5.43
C GLN B 153 8.30 -7.87 6.41
N ASN B 154 7.77 -8.91 7.04
CA ASN B 154 8.54 -9.73 8.02
C ASN B 154 9.78 -10.26 7.27
N ASP B 155 9.54 -11.05 6.23
CA ASP B 155 10.62 -11.68 5.42
C ASP B 155 11.60 -10.59 4.99
N PHE B 156 11.10 -9.57 4.31
CA PHE B 156 11.95 -8.50 3.73
C PHE B 156 12.86 -7.92 4.81
N SER B 157 12.30 -7.46 5.93
CA SER B 157 13.07 -6.85 7.03
C SER B 157 14.19 -7.80 7.47
N TYR B 158 13.88 -9.08 7.68
CA TYR B 158 14.89 -10.11 8.05
C TYR B 158 16.02 -10.10 7.02
N TYR B 159 15.64 -10.18 5.74
CA TYR B 159 16.58 -10.26 4.59
C TYR B 159 17.64 -9.16 4.72
N ARG B 160 17.21 -7.89 4.83
CA ARG B 160 18.15 -6.73 4.87
C ARG B 160 18.79 -6.62 6.27
N ARG B 161 18.25 -7.35 7.24
CA ARG B 161 18.79 -7.32 8.63
C ARG B 161 19.96 -8.29 8.67
N THR B 162 19.88 -9.35 7.87
CA THR B 162 20.93 -10.40 7.80
C THR B 162 21.95 -10.06 6.72
N LEU B 163 21.66 -9.05 5.90
CA LEU B 163 22.66 -8.57 4.91
C LEU B 163 23.72 -7.81 5.69
N SER B 164 23.28 -6.87 6.53
CA SER B 164 24.14 -6.08 7.44
C SER B 164 25.02 -7.05 8.22
N ARG B 165 24.40 -7.99 8.92
CA ARG B 165 25.11 -9.03 9.72
C ARG B 165 26.21 -9.62 8.84
N MET B 166 25.87 -9.97 7.59
CA MET B 166 26.81 -10.57 6.63
C MET B 166 27.79 -9.50 6.13
N ARG B 167 27.46 -8.22 6.28
CA ARG B 167 28.36 -7.09 5.91
C ARG B 167 29.62 -7.17 6.78
N ILE B 168 29.40 -7.48 8.06
CA ILE B 168 30.44 -7.92 9.03
C ILE B 168 31.12 -9.15 8.43
N ASN B 169 32.40 -9.07 8.05
CA ASN B 169 33.15 -10.21 7.46
C ASN B 169 32.43 -10.67 6.19
N VAL B 179 20.14 -8.72 -4.04
CA VAL B 179 19.50 -7.68 -4.88
C VAL B 179 20.31 -6.38 -4.79
N ASN B 180 19.95 -5.37 -5.58
CA ASN B 180 20.57 -4.02 -5.55
C ASN B 180 20.20 -3.35 -4.21
N ASN B 181 21.18 -2.72 -3.56
CA ASN B 181 21.02 -2.07 -2.23
C ASN B 181 20.04 -0.90 -2.35
N GLU B 182 20.19 -0.07 -3.38
CA GLU B 182 19.36 1.14 -3.63
C GLU B 182 17.92 0.70 -3.91
N LEU B 183 17.74 -0.41 -4.63
CA LEU B 183 16.42 -1.00 -4.96
C LEU B 183 15.72 -1.47 -3.68
N ALA B 184 16.46 -2.19 -2.82
CA ALA B 184 15.96 -2.79 -1.57
C ALA B 184 15.33 -1.70 -0.68
N ASN B 185 15.96 -0.52 -0.61
CA ASN B 185 15.49 0.62 0.22
C ASN B 185 14.10 1.07 -0.28
N ARG B 186 13.94 1.19 -1.60
CA ARG B 186 12.66 1.59 -2.25
C ARG B 186 11.61 0.50 -1.99
N MET B 187 12.02 -0.77 -2.11
CA MET B 187 11.14 -1.95 -1.86
C MET B 187 10.65 -1.92 -0.41
N SER B 188 11.54 -1.63 0.54
CA SER B 188 11.24 -1.52 1.99
C SER B 188 10.12 -0.48 2.20
N LEU B 189 10.23 0.67 1.55
CA LEU B 189 9.26 1.79 1.67
C LEU B 189 7.95 1.42 0.97
N PHE B 190 8.03 0.57 -0.07
CA PHE B 190 6.86 0.12 -0.88
C PHE B 190 5.94 -0.72 0.01
N TYR B 191 6.49 -1.74 0.67
CA TYR B 191 5.74 -2.76 1.46
C TYR B 191 5.41 -2.21 2.86
N ALA B 192 6.03 -1.09 3.25
CA ALA B 192 5.76 -0.38 4.52
C ALA B 192 4.33 0.16 4.52
N GLU B 193 3.84 0.56 3.34
CA GLU B 193 2.48 1.14 3.15
C GLU B 193 1.43 0.04 3.29
N ALA B 194 0.21 0.40 3.74
CA ALA B 194 -0.94 -0.52 3.91
C ALA B 194 -1.50 -0.87 2.53
N THR B 195 -1.43 0.07 1.59
CA THR B 195 -1.92 -0.07 0.19
C THR B 195 -0.85 0.42 -0.77
N PRO B 196 0.20 -0.39 -1.02
CA PRO B 196 1.32 0.01 -1.87
C PRO B 196 0.92 0.48 -3.28
N MET B 197 0.07 -0.29 -3.96
CA MET B 197 -0.33 -0.03 -5.37
C MET B 197 -1.15 1.26 -5.45
N LEU B 198 -2.17 1.42 -4.60
CA LEU B 198 -3.01 2.65 -4.54
C LEU B 198 -2.11 3.85 -4.27
N LYS B 199 -1.13 3.70 -3.37
CA LYS B 199 -0.15 4.76 -3.02
C LYS B 199 0.69 5.08 -4.26
N THR B 200 1.10 4.05 -5.00
CA THR B 200 1.96 4.16 -6.21
C THR B 200 1.18 4.84 -7.34
N LEU B 201 -0.08 4.43 -7.54
CA LEU B 201 -0.99 5.00 -8.57
C LEU B 201 -1.25 6.48 -8.25
N SER B 202 -1.76 6.76 -7.05
CA SER B 202 -2.14 8.12 -6.58
C SER B 202 -0.94 9.07 -6.70
N ASP B 203 0.24 8.62 -6.29
CA ASP B 203 1.50 9.41 -6.34
C ASP B 203 1.86 9.68 -7.80
N ALA B 204 1.75 8.67 -8.66
CA ALA B 204 2.13 8.72 -10.09
C ALA B 204 1.21 9.70 -10.84
N THR B 205 -0.09 9.65 -10.58
CA THR B 205 -1.12 10.51 -11.24
C THR B 205 -0.96 11.96 -10.76
N THR B 206 -0.75 12.17 -9.46
CA THR B 206 -0.54 13.50 -8.84
C THR B 206 0.80 14.07 -9.32
N LYS B 207 1.80 13.20 -9.57
CA LYS B 207 3.12 13.61 -10.10
C LYS B 207 2.93 14.15 -11.53
N PHE B 208 2.08 13.50 -12.32
CA PHE B 208 1.75 13.89 -13.72
C PHE B 208 1.11 15.29 -13.73
N VAL B 209 0.01 15.46 -12.99
CA VAL B 209 -0.80 16.71 -13.00
C VAL B 209 0.01 17.86 -12.40
N SER B 210 0.90 17.57 -11.45
CA SER B 210 1.75 18.56 -10.74
C SER B 210 2.81 19.13 -11.70
N GLU B 211 3.26 18.32 -12.66
CA GLU B 211 4.27 18.73 -13.67
C GLU B 211 3.57 19.02 -15.00
N ASN B 212 2.24 19.14 -14.98
CA ASN B 212 1.39 19.58 -16.12
C ASN B 212 0.30 20.52 -15.59
N LYS B 213 0.73 21.61 -14.95
CA LYS B 213 -0.16 22.55 -14.21
C LYS B 213 -1.09 23.27 -15.19
N ASN B 214 -0.66 23.44 -16.44
CA ASN B 214 -1.45 24.11 -17.50
C ASN B 214 -2.78 23.36 -17.69
N LEU B 215 -2.76 22.03 -17.60
CA LEU B 215 -3.96 21.17 -17.68
C LEU B 215 -4.69 21.19 -16.34
N PRO B 216 -6.00 21.50 -16.30
CA PRO B 216 -6.76 21.50 -15.06
C PRO B 216 -6.97 20.06 -14.55
N ILE B 217 -7.16 19.90 -13.24
CA ILE B 217 -7.29 18.58 -12.56
C ILE B 217 -8.48 17.82 -13.17
N GLU B 218 -9.54 18.53 -13.55
CA GLU B 218 -10.79 17.95 -14.11
C GLU B 218 -10.46 17.05 -15.31
N ASN B 219 -9.67 17.56 -16.26
CA ASN B 219 -9.31 16.86 -17.52
C ASN B 219 -9.09 15.37 -17.25
N THR B 220 -8.25 15.03 -16.25
CA THR B 220 -7.81 13.65 -15.94
C THR B 220 -8.77 12.99 -14.95
N THR B 221 -9.39 13.76 -14.05
CA THR B 221 -10.23 13.26 -12.94
C THR B 221 -11.71 13.19 -13.36
N ASP B 222 -12.05 13.72 -14.54
CA ASP B 222 -13.44 13.71 -15.06
C ASP B 222 -13.83 12.26 -15.38
N CYS B 223 -12.98 11.53 -16.12
CA CYS B 223 -13.20 10.12 -16.53
C CYS B 223 -13.48 9.26 -15.29
N LEU B 224 -12.79 9.55 -14.19
CA LEU B 224 -12.89 8.82 -12.91
C LEU B 224 -14.25 9.11 -12.25
N SER B 225 -14.80 10.30 -12.46
CA SER B 225 -16.05 10.71 -11.80
C SER B 225 -17.26 10.34 -12.65
N THR B 226 -17.09 10.33 -13.97
CA THR B 226 -18.18 9.97 -14.92
C THR B 226 -18.37 8.46 -14.88
N MET B 227 -17.27 7.72 -14.73
CA MET B 227 -17.30 6.24 -14.67
C MET B 227 -18.11 5.79 -13.47
N ALA B 228 -17.97 6.47 -12.34
CA ALA B 228 -18.66 6.12 -11.07
C ALA B 228 -20.16 6.38 -11.20
N SER B 229 -20.56 7.34 -12.04
CA SER B 229 -21.99 7.71 -12.23
C SER B 229 -22.67 6.71 -13.16
N VAL B 230 -21.99 6.30 -14.24
CA VAL B 230 -22.56 5.33 -15.21
C VAL B 230 -22.70 3.99 -14.51
N CYS B 231 -21.69 3.61 -13.73
CA CYS B 231 -21.71 2.36 -12.94
C CYS B 231 -22.96 2.36 -12.06
N ARG B 232 -23.17 3.45 -11.33
CA ARG B 232 -24.34 3.60 -10.44
C ARG B 232 -25.61 3.37 -11.27
N VAL B 233 -25.64 3.89 -12.49
CA VAL B 233 -26.81 3.76 -13.42
C VAL B 233 -27.03 2.28 -13.71
N MET B 234 -25.94 1.52 -13.95
CA MET B 234 -25.99 0.08 -14.29
C MET B 234 -26.38 -0.74 -13.07
N LEU B 235 -25.85 -0.40 -11.89
CA LEU B 235 -25.93 -1.22 -10.66
C LEU B 235 -27.14 -0.80 -9.82
N GLU B 236 -27.48 0.49 -9.82
CA GLU B 236 -28.63 1.04 -9.03
C GLU B 236 -29.94 0.49 -9.61
N THR B 237 -30.83 0.01 -8.74
CA THR B 237 -32.17 -0.53 -9.10
C THR B 237 -33.24 0.39 -8.50
N PRO B 238 -34.11 1.00 -9.34
CA PRO B 238 -35.12 1.95 -8.85
C PRO B 238 -36.19 1.26 -8.00
N GLU B 239 -37.14 2.04 -7.49
CA GLU B 239 -38.24 1.58 -6.60
C GLU B 239 -39.31 0.86 -7.42
N TYR B 240 -39.51 1.28 -8.68
CA TYR B 240 -40.65 0.85 -9.54
C TYR B 240 -40.49 -0.62 -9.95
N ARG B 241 -39.24 -1.10 -10.11
CA ARG B 241 -38.96 -2.49 -10.52
C ARG B 241 -38.10 -3.20 -9.46
N SER B 242 -38.03 -4.52 -9.54
CA SER B 242 -37.22 -5.40 -8.66
C SER B 242 -35.77 -5.41 -9.15
N ARG B 243 -34.83 -5.85 -8.30
CA ARG B 243 -33.38 -5.88 -8.59
C ARG B 243 -33.10 -6.89 -9.71
N PHE B 244 -32.32 -6.47 -10.72
CA PHE B 244 -31.88 -7.33 -11.85
C PHE B 244 -30.90 -8.39 -11.36
N THR B 245 -30.84 -9.52 -12.08
CA THR B 245 -29.84 -10.60 -11.88
C THR B 245 -28.52 -10.15 -12.52
N ASN B 246 -27.46 -10.96 -12.38
CA ASN B 246 -26.12 -10.67 -12.97
C ASN B 246 -26.22 -10.76 -14.50
N GLU B 247 -27.11 -11.62 -15.00
CA GLU B 247 -27.34 -11.83 -16.45
C GLU B 247 -28.13 -10.65 -17.03
N GLU B 248 -29.07 -10.12 -16.25
CA GLU B 248 -30.00 -9.03 -16.69
C GLU B 248 -29.24 -7.69 -16.71
N THR B 249 -28.41 -7.44 -15.68
CA THR B 249 -27.62 -6.19 -15.54
C THR B 249 -26.65 -6.08 -16.72
N VAL B 250 -26.02 -7.18 -17.11
CA VAL B 250 -25.06 -7.24 -18.25
C VAL B 250 -25.84 -7.07 -19.56
N SER B 251 -26.99 -7.73 -19.67
CA SER B 251 -27.94 -7.59 -20.81
C SER B 251 -28.38 -6.12 -20.90
N PHE B 252 -28.91 -5.59 -19.79
CA PHE B 252 -29.33 -4.17 -19.64
C PHE B 252 -28.23 -3.25 -20.17
N CYS B 253 -27.00 -3.44 -19.67
CA CYS B 253 -25.80 -2.62 -19.98
C CYS B 253 -25.60 -2.54 -21.50
N LEU B 254 -25.79 -3.66 -22.21
CA LEU B 254 -25.64 -3.75 -23.69
C LEU B 254 -26.75 -2.95 -24.37
N ARG B 255 -27.97 -2.99 -23.81
CA ARG B 255 -29.17 -2.37 -24.41
C ARG B 255 -29.06 -0.84 -24.29
N VAL B 256 -28.73 -0.33 -23.10
CA VAL B 256 -28.56 1.13 -22.85
C VAL B 256 -27.47 1.67 -23.78
N MET B 257 -26.34 0.95 -23.88
CA MET B 257 -25.19 1.35 -24.73
C MET B 257 -25.68 1.62 -26.15
N VAL B 258 -26.39 0.65 -26.75
CA VAL B 258 -26.98 0.74 -28.11
C VAL B 258 -28.13 1.75 -28.08
N GLY B 259 -28.90 1.77 -26.97
CA GLY B 259 -30.07 2.65 -26.79
C GLY B 259 -29.70 4.12 -26.87
N VAL B 260 -28.72 4.55 -26.06
CA VAL B 260 -28.29 5.98 -25.97
C VAL B 260 -27.60 6.39 -27.28
N ILE B 261 -26.94 5.45 -27.94
CA ILE B 261 -26.24 5.70 -29.24
C ILE B 261 -27.29 6.07 -30.30
N ILE B 262 -28.38 5.30 -30.36
CA ILE B 262 -29.48 5.50 -31.36
C ILE B 262 -30.20 6.82 -31.05
N LEU B 263 -30.49 7.09 -29.77
CA LEU B 263 -31.18 8.32 -29.32
C LEU B 263 -30.25 9.53 -29.56
N TYR B 264 -28.95 9.35 -29.34
CA TYR B 264 -27.90 10.39 -29.59
C TYR B 264 -27.83 10.66 -31.10
N ASP B 265 -27.92 9.61 -31.91
CA ASP B 265 -27.81 9.67 -33.39
C ASP B 265 -28.97 10.51 -33.94
N HIS B 266 -30.15 10.41 -33.33
CA HIS B 266 -31.41 11.09 -33.78
C HIS B 266 -31.41 12.56 -33.37
N VAL B 267 -31.01 12.86 -32.13
CA VAL B 267 -31.15 14.22 -31.51
C VAL B 267 -29.94 15.08 -31.86
N HIS B 268 -28.74 14.50 -31.89
CA HIS B 268 -27.46 15.24 -32.17
C HIS B 268 -27.31 15.45 -33.68
N PRO B 269 -26.91 16.65 -34.12
CA PRO B 269 -26.80 16.97 -35.55
C PRO B 269 -25.93 15.99 -36.35
N VAL B 270 -24.66 15.84 -36.00
CA VAL B 270 -23.66 15.05 -36.80
C VAL B 270 -23.96 13.56 -36.67
N GLY B 271 -24.59 13.14 -35.56
CA GLY B 271 -24.99 11.75 -35.31
C GLY B 271 -23.89 10.94 -34.64
N ALA B 272 -23.97 9.61 -34.72
CA ALA B 272 -23.05 8.66 -34.03
C ALA B 272 -22.09 8.03 -35.05
N PHE B 273 -22.43 8.08 -36.34
CA PHE B 273 -21.70 7.38 -37.43
C PHE B 273 -20.61 8.30 -38.01
N ALA B 274 -20.82 9.61 -37.96
CA ALA B 274 -19.94 10.64 -38.56
C ALA B 274 -18.50 10.45 -38.04
N LYS B 275 -17.51 10.84 -38.86
CA LYS B 275 -16.06 10.73 -38.54
C LYS B 275 -15.75 11.57 -37.30
N THR B 276 -16.35 12.76 -37.19
CA THR B 276 -16.10 13.75 -36.10
C THR B 276 -17.20 13.61 -35.04
N SER B 277 -17.44 12.39 -34.56
CA SER B 277 -18.47 12.06 -33.55
C SER B 277 -17.80 11.71 -32.22
N LYS B 278 -18.58 11.73 -31.13
CA LYS B 278 -18.11 11.42 -29.75
C LYS B 278 -18.41 9.96 -29.42
N ILE B 279 -19.13 9.27 -30.30
CA ILE B 279 -19.69 7.90 -30.06
C ILE B 279 -18.58 6.85 -30.24
N ASP B 280 -17.80 6.95 -31.31
CA ASP B 280 -16.76 5.94 -31.67
C ASP B 280 -17.45 4.59 -31.81
N MET B 281 -18.44 4.50 -32.71
CA MET B 281 -19.33 3.32 -32.89
C MET B 281 -18.50 2.08 -33.27
N LYS B 282 -17.59 2.21 -34.23
CA LYS B 282 -16.74 1.10 -34.71
C LYS B 282 -16.41 0.19 -33.52
N GLY B 283 -16.05 0.79 -32.38
CA GLY B 283 -15.70 0.09 -31.13
C GLY B 283 -16.90 -0.53 -30.47
N CYS B 284 -18.05 0.16 -30.49
CA CYS B 284 -19.31 -0.26 -29.83
C CYS B 284 -19.89 -1.50 -30.54
N ILE B 285 -19.81 -1.54 -31.88
CA ILE B 285 -20.29 -2.69 -32.69
C ILE B 285 -19.39 -3.90 -32.41
N LYS B 286 -18.07 -3.69 -32.34
CA LYS B 286 -17.07 -4.75 -32.06
C LYS B 286 -17.43 -5.44 -30.74
N VAL B 287 -17.85 -4.67 -29.73
CA VAL B 287 -18.26 -5.19 -28.40
C VAL B 287 -19.49 -6.09 -28.57
N LEU B 288 -20.44 -5.69 -29.43
CA LEU B 288 -21.69 -6.46 -29.70
C LEU B 288 -21.34 -7.77 -30.41
N LYS B 289 -20.37 -7.76 -31.32
CA LYS B 289 -20.00 -8.95 -32.14
C LYS B 289 -19.08 -9.87 -31.33
N ASP B 290 -18.58 -9.40 -30.19
CA ASP B 290 -17.85 -10.23 -29.19
C ASP B 290 -18.84 -11.18 -28.51
N GLN B 291 -20.09 -10.74 -28.38
CA GLN B 291 -21.18 -11.47 -27.68
C GLN B 291 -21.72 -12.58 -28.58
N PRO B 292 -22.34 -13.64 -27.99
CA PRO B 292 -22.92 -14.73 -28.79
C PRO B 292 -23.90 -14.25 -29.83
N PRO B 293 -24.07 -14.98 -30.97
CA PRO B 293 -24.89 -14.52 -32.08
C PRO B 293 -26.38 -14.47 -31.69
N ASN B 294 -26.83 -15.46 -30.92
CA ASN B 294 -28.23 -15.58 -30.42
C ASN B 294 -28.54 -14.37 -29.52
N SER B 295 -27.61 -14.03 -28.60
CA SER B 295 -27.70 -12.85 -27.73
C SER B 295 -27.33 -11.59 -28.53
N VAL B 296 -28.15 -10.54 -28.41
CA VAL B 296 -27.82 -9.16 -28.90
C VAL B 296 -28.28 -8.99 -30.35
N GLU B 297 -28.91 -10.01 -30.96
CA GLU B 297 -29.44 -9.93 -32.35
C GLU B 297 -30.48 -8.81 -32.41
N GLY B 298 -31.28 -8.65 -31.35
CA GLY B 298 -32.30 -7.59 -31.23
C GLY B 298 -31.68 -6.21 -31.25
N LEU B 299 -30.56 -6.04 -30.54
CA LEU B 299 -29.80 -4.76 -30.46
C LEU B 299 -29.04 -4.54 -31.77
N LEU B 300 -28.43 -5.60 -32.30
CA LEU B 300 -27.56 -5.54 -33.52
C LEU B 300 -28.40 -5.05 -34.70
N ASN B 301 -29.61 -5.60 -34.86
CA ASN B 301 -30.61 -5.25 -35.90
C ASN B 301 -31.05 -3.81 -35.74
N ALA B 302 -31.37 -3.44 -34.50
CA ALA B 302 -31.90 -2.12 -34.10
C ALA B 302 -31.02 -1.02 -34.72
N LEU B 303 -29.70 -1.20 -34.69
CA LEU B 303 -28.72 -0.26 -35.27
C LEU B 303 -28.84 -0.28 -36.80
N ARG B 304 -29.15 -1.44 -37.36
CA ARG B 304 -29.19 -1.66 -38.83
C ARG B 304 -30.30 -0.82 -39.46
N TYR B 305 -31.46 -0.70 -38.81
CA TYR B 305 -32.65 -0.07 -39.45
C TYR B 305 -33.36 0.97 -38.57
N THR B 306 -32.97 1.19 -37.31
CA THR B 306 -33.75 2.15 -36.48
C THR B 306 -32.89 3.38 -36.19
N THR B 307 -31.82 3.59 -36.95
CA THR B 307 -30.91 4.76 -36.82
C THR B 307 -31.36 5.90 -37.72
N LYS B 308 -30.48 6.89 -37.92
CA LYS B 308 -30.74 8.08 -38.77
C LYS B 308 -29.61 8.24 -39.80
N HIS B 309 -28.36 8.22 -39.36
CA HIS B 309 -27.16 8.54 -40.20
C HIS B 309 -26.31 7.28 -40.44
N LEU B 310 -26.93 6.12 -40.67
CA LEU B 310 -26.20 4.86 -40.99
C LEU B 310 -25.96 4.78 -42.51
N ASN B 311 -27.01 5.00 -43.31
CA ASN B 311 -27.03 4.71 -44.76
C ASN B 311 -26.54 5.93 -45.57
N ASP B 312 -26.47 7.11 -44.95
CA ASP B 312 -26.06 8.37 -45.62
C ASP B 312 -24.60 8.23 -46.10
N GLU B 313 -24.22 8.99 -47.12
CA GLU B 313 -22.93 8.86 -47.86
C GLU B 313 -21.75 9.04 -46.90
N THR B 314 -21.87 9.97 -45.95
CA THR B 314 -20.76 10.41 -45.05
C THR B 314 -20.26 9.24 -44.21
N THR B 315 -21.14 8.30 -43.83
CA THR B 315 -20.81 7.14 -42.96
C THR B 315 -19.72 6.30 -43.63
N SER B 316 -18.80 5.75 -42.83
CA SER B 316 -17.69 4.87 -43.29
C SER B 316 -18.27 3.53 -43.76
N LYS B 317 -17.69 2.94 -44.80
CA LYS B 317 -18.19 1.67 -45.38
C LYS B 317 -17.73 0.50 -44.50
N GLN B 318 -16.77 0.72 -43.61
CA GLN B 318 -16.34 -0.31 -42.65
C GLN B 318 -17.43 -0.48 -41.61
N ILE B 319 -18.05 0.63 -41.20
CA ILE B 319 -19.16 0.67 -40.21
C ILE B 319 -20.38 -0.06 -40.80
N LYS B 320 -20.59 0.06 -42.11
CA LYS B 320 -21.75 -0.54 -42.81
C LYS B 320 -21.63 -2.07 -42.78
N SER B 321 -20.40 -2.61 -42.72
CA SER B 321 -20.14 -4.06 -42.63
C SER B 321 -20.85 -4.63 -41.39
N MET B 322 -22.12 -5.00 -41.58
CA MET B 322 -23.06 -5.55 -40.58
C MET B 322 -24.12 -6.32 -41.34
N LEU B 323 -23.92 -7.61 -41.58
CA LEU B 323 -24.92 -8.45 -42.30
C LEU B 323 -25.34 -9.58 -41.36
N GLN B 324 -26.36 -10.36 -41.76
CA GLN B 324 -26.86 -11.48 -40.92
C GLN B 324 -27.60 -12.50 -41.79
N GLY B 325 -27.59 -13.76 -41.36
CA GLY B 325 -28.32 -14.84 -42.05
C GLY B 325 -28.82 -15.89 -41.07
MG MG C . 16.72 -0.90 14.90
PG GNP D . 19.36 0.95 16.39
O1G GNP D . 18.85 2.34 16.16
O2G GNP D . 18.74 0.04 15.36
O3G GNP D . 20.85 0.92 16.23
N3B GNP D . 18.95 0.44 17.89
PB GNP D . 17.61 -0.43 18.24
O1B GNP D . 17.14 -1.22 17.05
O2B GNP D . 16.61 0.39 19.01
O3A GNP D . 18.12 -1.55 19.25
PA GNP D . 17.89 -3.13 19.24
O1A GNP D . 18.51 -3.69 18.00
O2A GNP D . 16.45 -3.41 19.51
O5' GNP D . 18.77 -3.55 20.51
C5' GNP D . 19.77 -4.55 20.22
C4' GNP D . 20.37 -5.07 21.49
O4' GNP D . 19.52 -4.73 22.62
C3' GNP D . 20.53 -6.60 21.55
O3' GNP D . 21.68 -6.97 22.29
C2' GNP D . 19.24 -7.01 22.27
O2' GNP D . 19.33 -8.30 22.85
C1' GNP D . 19.19 -5.91 23.32
N9 GNP D . 17.88 -5.73 23.95
C8 GNP D . 16.79 -5.12 23.40
N7 GNP D . 15.75 -5.08 24.20
C5 GNP D . 16.19 -5.71 25.35
C6 GNP D . 15.51 -5.97 26.57
O6 GNP D . 14.35 -5.68 26.87
N1 GNP D . 16.33 -6.63 27.48
C2 GNP D . 17.63 -7.00 27.26
N2 GNP D . 18.26 -7.63 28.25
N3 GNP D . 18.28 -6.76 26.11
C4 GNP D . 17.51 -6.11 25.21
#